data_5NGW
#
_entry.id   5NGW
#
_cell.length_a   102.054
_cell.length_b   102.054
_cell.length_c   80.113
_cell.angle_alpha   90.00
_cell.angle_beta   90.00
_cell.angle_gamma   120.00
#
_symmetry.space_group_name_H-M   'P 31 2 1'
#
loop_
_entity.id
_entity.type
_entity.pdbx_description
1 polymer OpGH99A
2 non-polymer 'BROMIDE ION'
3 water water
#
_entity_poly.entity_id   1
_entity_poly.type   'polypeptide(L)'
_entity_poly.pdbx_seq_one_letter_code
;MGSSHHHHHHSSGLVPRGSHMASNKEDEFGPEDTFLGSPIPIFEVNEDYNVGAFYKFPNWNLNYNEMPVSGTYTAANTDQ
FPTHIRQANKAGINFFLFDLVSSQNAGGHSSSFDIVARYNNELAGFTPDSIVKYAFNYNYGPLGINNNNPVDSTTDETTN
TLDPKEIVFQQDFLNIADLAENNTNYYRLDGKPVVYILNAQNLAANDSPAVFNRMRQAVRDAYNGMELYIIGMQPQWQPP
LRYDFRFVGAVDAVTHNTYMQLNENNSYERILYFDKMVYGAWSYSQEALGRSEFNLEYIPTISPSSNYKLQNPNNQNYIF
EKNEKLFRSVCNAARGAVGESKMVLLESFNNWNIGTQIEESNELKVDGVTPAYGDQYLKILKEEFKVAK
;
_entity_poly.pdbx_strand_id   A
#
loop_
_chem_comp.id
_chem_comp.type
_chem_comp.name
_chem_comp.formula
BR non-polymer 'BROMIDE ION' 'Br -1'
#
# COMPACT_ATOMS: atom_id res chain seq x y z
N PHE A 29 -9.13 2.85 21.49
CA PHE A 29 -10.22 1.88 21.13
C PHE A 29 -9.77 0.89 20.01
N GLY A 30 -9.63 -0.38 20.39
CA GLY A 30 -9.25 -1.45 19.47
C GLY A 30 -10.45 -2.07 18.76
N PRO A 31 -10.23 -3.18 18.02
CA PRO A 31 -11.23 -3.86 17.15
C PRO A 31 -12.53 -4.35 17.80
N GLU A 32 -12.43 -5.02 18.96
CA GLU A 32 -13.61 -5.44 19.74
C GLU A 32 -14.45 -4.20 20.19
N ASP A 33 -13.78 -3.18 20.75
CA ASP A 33 -14.39 -1.89 21.15
C ASP A 33 -15.17 -1.17 20.02
N THR A 34 -14.65 -1.19 18.77
CA THR A 34 -15.21 -0.44 17.60
C THR A 34 -16.22 -1.19 16.68
N PHE A 35 -16.36 -2.51 16.81
CA PHE A 35 -17.42 -3.25 16.08
C PHE A 35 -18.81 -2.77 16.54
N LEU A 36 -19.61 -2.21 15.61
CA LEU A 36 -21.06 -2.00 15.82
C LEU A 36 -21.75 -3.37 15.59
N GLY A 37 -22.69 -3.78 16.45
CA GLY A 37 -23.32 -5.11 16.32
C GLY A 37 -24.55 -5.18 15.42
N SER A 38 -24.47 -4.57 14.22
CA SER A 38 -25.65 -4.33 13.32
C SER A 38 -25.21 -4.09 11.85
N PRO A 39 -26.16 -4.23 10.87
CA PRO A 39 -25.75 -4.13 9.45
C PRO A 39 -24.94 -2.89 9.03
N ILE A 40 -24.02 -3.12 8.11
CA ILE A 40 -23.13 -2.08 7.61
C ILE A 40 -23.96 -1.25 6.65
N PRO A 41 -23.93 0.10 6.77
CA PRO A 41 -24.65 0.93 5.78
C PRO A 41 -24.17 0.69 4.36
N ILE A 42 -25.04 0.88 3.40
CA ILE A 42 -24.66 0.85 1.99
C ILE A 42 -24.01 2.21 1.66
N PHE A 43 -22.82 2.20 1.09
CA PHE A 43 -22.16 3.42 0.59
C PHE A 43 -22.13 3.38 -0.93
N GLU A 44 -22.79 4.34 -1.57
CA GLU A 44 -22.98 4.30 -3.02
C GLU A 44 -21.66 4.80 -3.63
N VAL A 45 -21.43 4.39 -4.89
CA VAL A 45 -20.27 4.80 -5.66
C VAL A 45 -20.68 5.98 -6.52
N ASN A 46 -20.42 7.18 -6.03
CA ASN A 46 -20.85 8.43 -6.67
C ASN A 46 -19.75 9.25 -7.31
N GLU A 47 -18.55 9.21 -6.76
CA GLU A 47 -17.37 9.79 -7.38
C GLU A 47 -16.48 8.60 -7.72
N ASP A 48 -15.53 8.79 -8.62
CA ASP A 48 -14.43 7.83 -8.76
C ASP A 48 -13.49 7.89 -7.53
N TYR A 49 -13.03 6.74 -7.06
CA TYR A 49 -12.02 6.70 -6.02
C TYR A 49 -10.63 6.54 -6.62
N ASN A 50 -9.63 7.09 -5.94
CA ASN A 50 -8.24 6.96 -6.33
C ASN A 50 -7.72 5.63 -5.75
N VAL A 51 -7.50 4.66 -6.62
CA VAL A 51 -7.09 3.34 -6.20
C VAL A 51 -5.62 3.10 -6.54
N GLY A 52 -4.83 2.80 -5.53
CA GLY A 52 -3.47 2.33 -5.69
C GLY A 52 -3.37 0.87 -5.31
N ALA A 53 -2.49 0.13 -5.99
CA ALA A 53 -2.34 -1.30 -5.77
C ALA A 53 -0.86 -1.70 -5.72
N PHE A 54 -0.50 -2.56 -4.79
CA PHE A 54 0.84 -2.98 -4.63
C PHE A 54 1.22 -3.87 -5.76
N TYR A 55 2.43 -3.64 -6.27
CA TYR A 55 2.99 -4.40 -7.36
C TYR A 55 4.22 -5.08 -6.87
N LYS A 56 4.33 -6.36 -7.23
CA LYS A 56 5.34 -7.27 -6.70
C LYS A 56 5.89 -8.27 -7.75
N PHE A 57 7.00 -8.90 -7.42
CA PHE A 57 7.54 -9.97 -8.24
C PHE A 57 7.50 -11.25 -7.47
N PRO A 58 6.52 -12.12 -7.76
CA PRO A 58 6.41 -13.32 -6.92
C PRO A 58 7.51 -14.35 -7.10
N ASN A 59 7.69 -15.16 -6.09
CA ASN A 59 8.42 -16.39 -6.20
C ASN A 59 7.46 -17.38 -6.85
N TRP A 60 7.79 -17.80 -8.07
CA TRP A 60 6.97 -18.76 -8.85
C TRP A 60 7.20 -20.25 -8.53
N ASN A 61 8.09 -20.59 -7.58
CA ASN A 61 8.20 -22.01 -7.13
C ASN A 61 7.17 -22.42 -6.09
N LEU A 62 6.34 -21.50 -5.66
CA LEU A 62 5.39 -21.82 -4.62
C LEU A 62 4.23 -22.57 -5.23
N ASN A 63 3.43 -23.21 -4.39
CA ASN A 63 2.38 -24.12 -4.90
C ASN A 63 1.03 -23.46 -5.04
N TYR A 64 0.93 -22.67 -6.08
CA TYR A 64 -0.25 -21.90 -6.33
C TYR A 64 -1.33 -22.80 -6.87
N ASN A 65 -2.58 -22.48 -6.58
CA ASN A 65 -3.72 -23.19 -7.16
C ASN A 65 -4.15 -22.72 -8.54
N GLU A 66 -3.81 -21.49 -8.89
CA GLU A 66 -4.04 -20.98 -10.27
C GLU A 66 -2.83 -20.19 -10.64
N MET A 67 -2.70 -19.88 -11.91
CA MET A 67 -1.54 -19.18 -12.43
C MET A 67 -1.89 -17.94 -13.25
N PRO A 68 -0.95 -17.00 -13.32
CA PRO A 68 -1.25 -15.77 -14.00
C PRO A 68 -1.35 -16.01 -15.49
N VAL A 69 -2.27 -15.31 -16.09
CA VAL A 69 -2.53 -15.37 -17.51
C VAL A 69 -1.36 -14.80 -18.31
N SER A 70 -0.66 -13.82 -17.74
CA SER A 70 0.60 -13.37 -18.34
C SER A 70 1.79 -14.36 -18.18
N GLY A 71 1.61 -15.47 -17.45
CA GLY A 71 2.68 -16.40 -17.20
C GLY A 71 3.68 -15.82 -16.22
N THR A 72 4.75 -16.55 -15.99
CA THR A 72 5.74 -16.17 -15.01
C THR A 72 6.55 -15.01 -15.56
N TYR A 73 7.02 -14.19 -14.67
CA TYR A 73 7.76 -12.98 -14.99
C TYR A 73 8.61 -12.69 -13.78
N THR A 74 9.81 -12.19 -14.04
CA THR A 74 10.80 -11.83 -13.05
C THR A 74 10.98 -10.30 -13.09
N ALA A 75 11.76 -9.81 -12.14
CA ALA A 75 12.05 -8.40 -12.03
C ALA A 75 12.74 -7.80 -13.27
N ALA A 76 13.41 -8.66 -14.02
CA ALA A 76 14.08 -8.28 -15.23
C ALA A 76 13.19 -8.18 -16.43
N ASN A 77 12.00 -8.80 -16.41
CA ASN A 77 11.11 -8.82 -17.58
C ASN A 77 10.31 -7.55 -17.78
N THR A 78 9.94 -7.31 -19.03
CA THR A 78 9.12 -6.19 -19.39
C THR A 78 7.87 -6.53 -20.17
N ASP A 79 7.79 -7.72 -20.77
CA ASP A 79 6.64 -8.11 -21.59
C ASP A 79 5.35 -8.22 -20.79
N GLN A 80 5.46 -8.52 -19.51
CA GLN A 80 4.26 -8.53 -18.72
C GLN A 80 3.68 -7.12 -18.49
N PHE A 81 4.49 -6.07 -18.55
CA PHE A 81 3.97 -4.77 -18.13
C PHE A 81 2.76 -4.26 -18.93
N PRO A 82 2.77 -4.41 -20.28
CA PRO A 82 1.62 -3.98 -21.06
C PRO A 82 0.32 -4.70 -20.72
N THR A 83 0.46 -5.98 -20.48
CA THR A 83 -0.64 -6.82 -20.04
C THR A 83 -1.16 -6.34 -18.71
N HIS A 84 -0.25 -6.00 -17.79
CA HIS A 84 -0.68 -5.53 -16.48
C HIS A 84 -1.31 -4.13 -16.54
N ILE A 85 -0.84 -3.29 -17.45
CA ILE A 85 -1.41 -1.98 -17.60
C ILE A 85 -2.83 -2.20 -18.09
N ARG A 86 -3.01 -3.09 -19.06
CA ARG A 86 -4.37 -3.40 -19.49
C ARG A 86 -5.25 -3.95 -18.36
N GLN A 87 -4.71 -4.86 -17.59
CA GLN A 87 -5.44 -5.39 -16.43
C GLN A 87 -5.81 -4.28 -15.46
N ALA A 88 -4.84 -3.41 -15.24
CA ALA A 88 -5.03 -2.32 -14.33
C ALA A 88 -6.16 -1.39 -14.80
N ASN A 89 -6.24 -1.11 -16.11
CA ASN A 89 -7.38 -0.28 -16.59
C ASN A 89 -8.68 -1.05 -16.49
N LYS A 90 -8.63 -2.36 -16.66
CA LYS A 90 -9.83 -3.17 -16.47
C LYS A 90 -10.32 -3.08 -15.01
N ALA A 91 -9.38 -2.92 -14.08
CA ALA A 91 -9.72 -2.84 -12.68
C ALA A 91 -9.97 -1.44 -12.15
N GLY A 92 -9.74 -0.42 -12.95
CA GLY A 92 -9.77 0.95 -12.40
C GLY A 92 -8.62 1.30 -11.45
N ILE A 93 -7.51 0.56 -11.54
CA ILE A 93 -6.34 0.89 -10.71
C ILE A 93 -5.70 2.16 -11.28
N ASN A 94 -5.52 3.18 -10.44
CA ASN A 94 -4.93 4.44 -10.91
C ASN A 94 -3.38 4.48 -10.78
N PHE A 95 -2.84 3.82 -9.76
CA PHE A 95 -1.40 3.65 -9.70
C PHE A 95 -0.91 2.37 -9.05
N PHE A 96 0.29 1.93 -9.42
CA PHE A 96 0.96 0.82 -8.77
C PHE A 96 1.99 1.37 -7.80
N LEU A 97 2.11 0.70 -6.65
CA LEU A 97 3.17 0.99 -5.67
C LEU A 97 4.27 -0.05 -5.81
N PHE A 98 5.45 0.38 -6.18
CA PHE A 98 6.58 -0.51 -6.37
C PHE A 98 7.53 -0.36 -5.19
N ASP A 99 8.20 -1.43 -4.80
CA ASP A 99 9.14 -1.40 -3.68
C ASP A 99 10.29 -0.45 -3.94
N LEU A 100 10.74 0.25 -2.90
CA LEU A 100 11.97 1.03 -2.96
C LEU A 100 12.82 0.68 -1.76
N VAL A 101 13.92 0.00 -2.02
CA VAL A 101 14.87 -0.36 -0.96
C VAL A 101 15.68 0.89 -0.67
N SER A 102 15.99 1.19 0.58
CA SER A 102 16.81 2.32 0.93
C SER A 102 18.23 2.29 0.33
N SER A 103 18.70 3.47 -0.09
CA SER A 103 20.06 3.67 -0.64
C SER A 103 21.21 3.07 0.16
N GLN A 104 21.02 2.82 1.44
CA GLN A 104 21.96 2.03 2.26
C GLN A 104 22.34 0.64 1.65
N ASN A 105 21.39 -0.05 1.05
CA ASN A 105 21.70 -1.19 0.17
C ASN A 105 21.67 -0.71 -1.27
N ALA A 106 22.84 -0.44 -1.78
CA ALA A 106 23.00 0.34 -2.97
C ALA A 106 22.48 -0.38 -4.22
N GLY A 107 22.84 -1.66 -4.32
CA GLY A 107 22.35 -2.51 -5.38
C GLY A 107 20.83 -2.59 -5.43
N GLY A 108 20.21 -2.86 -4.29
CA GLY A 108 18.75 -2.99 -4.21
C GLY A 108 18.00 -1.69 -4.54
N HIS A 109 18.54 -0.58 -4.08
CA HIS A 109 18.05 0.73 -4.39
C HIS A 109 18.16 1.04 -5.88
N SER A 110 19.28 0.68 -6.50
CA SER A 110 19.47 0.78 -7.96
C SER A 110 18.43 -0.04 -8.71
N SER A 111 18.24 -1.28 -8.29
CA SER A 111 17.26 -2.17 -8.94
C SER A 111 15.85 -1.62 -8.83
N SER A 112 15.50 -1.07 -7.66
CA SER A 112 14.20 -0.51 -7.44
C SER A 112 13.84 0.50 -8.53
N PHE A 113 14.81 1.32 -8.89
CA PHE A 113 14.62 2.37 -9.92
C PHE A 113 14.66 1.79 -11.32
N ASP A 114 15.50 0.77 -11.55
CA ASP A 114 15.59 0.19 -12.88
C ASP A 114 14.23 -0.42 -13.22
N ILE A 115 13.66 -1.14 -12.27
CA ILE A 115 12.35 -1.76 -12.50
C ILE A 115 11.33 -0.68 -12.94
N VAL A 116 11.25 0.41 -12.16
CA VAL A 116 10.26 1.46 -12.42
C VAL A 116 10.53 2.14 -13.77
N ALA A 117 11.81 2.29 -14.15
CA ALA A 117 12.14 2.93 -15.40
C ALA A 117 11.73 2.03 -16.57
N ARG A 118 11.93 0.72 -16.44
CA ARG A 118 11.38 -0.25 -17.41
C ARG A 118 9.85 -0.22 -17.46
N TYR A 119 9.21 -0.08 -16.31
CA TYR A 119 7.74 0.12 -16.35
C TYR A 119 7.37 1.40 -17.09
N ASN A 120 8.02 2.49 -16.71
CA ASN A 120 7.77 3.81 -17.33
C ASN A 120 7.98 3.76 -18.86
N ASN A 121 9.02 3.13 -19.31
CA ASN A 121 9.21 2.98 -20.73
C ASN A 121 8.02 2.27 -21.41
N GLU A 122 7.39 1.31 -20.72
CA GLU A 122 6.24 0.60 -21.30
C GLU A 122 4.98 1.47 -21.30
N LEU A 123 4.90 2.38 -20.36
CA LEU A 123 3.86 3.40 -20.42
C LEU A 123 3.84 4.23 -21.73
N ALA A 124 4.98 4.40 -22.39
CA ALA A 124 5.03 5.08 -23.71
C ALA A 124 4.22 4.38 -24.83
N GLY A 125 3.85 3.11 -24.67
CA GLY A 125 2.88 2.48 -25.56
C GLY A 125 1.40 2.79 -25.27
N PHE A 126 1.10 3.74 -24.37
CA PHE A 126 -0.30 4.02 -24.01
C PHE A 126 -0.70 5.46 -24.15
N THR A 127 -1.97 5.68 -24.53
CA THR A 127 -2.57 7.01 -24.50
C THR A 127 -2.65 7.50 -23.06
N PRO A 128 -2.66 8.84 -22.86
CA PRO A 128 -2.87 9.46 -21.54
C PRO A 128 -4.01 8.88 -20.68
N ASP A 129 -5.20 8.69 -21.26
CA ASP A 129 -6.35 8.07 -20.56
C ASP A 129 -6.10 6.62 -20.04
N SER A 130 -5.13 5.91 -20.64
CA SER A 130 -4.83 4.50 -20.28
C SER A 130 -3.62 4.35 -19.39
N ILE A 131 -2.90 5.44 -19.15
CA ILE A 131 -1.71 5.41 -18.33
C ILE A 131 -2.07 5.06 -16.89
N VAL A 132 -1.33 4.12 -16.32
CA VAL A 132 -1.40 3.74 -14.92
C VAL A 132 -0.04 4.12 -14.26
N LYS A 133 -0.10 5.12 -13.41
CA LYS A 133 1.08 5.80 -12.87
C LYS A 133 1.71 5.02 -11.75
N TYR A 134 2.86 5.49 -11.27
CA TYR A 134 3.57 4.76 -10.24
C TYR A 134 3.96 5.61 -9.06
N ALA A 135 4.20 4.91 -7.98
CA ALA A 135 4.78 5.50 -6.82
C ALA A 135 5.51 4.44 -6.04
N PHE A 136 6.29 4.92 -5.11
CA PHE A 136 7.12 4.07 -4.28
C PHE A 136 6.55 3.66 -2.91
N ASN A 137 6.86 2.41 -2.58
CA ASN A 137 6.63 1.78 -1.25
C ASN A 137 8.02 1.64 -0.63
N TYR A 138 8.34 2.56 0.27
CA TYR A 138 9.66 2.79 0.76
C TYR A 138 9.93 1.89 1.95
N ASN A 139 11.03 1.18 1.86
CA ASN A 139 11.55 0.27 2.86
C ASN A 139 12.90 0.78 3.42
N TYR A 140 12.85 1.30 4.63
CA TYR A 140 14.01 1.84 5.33
C TYR A 140 14.75 0.79 6.12
N GLY A 141 14.30 -0.46 6.03
CA GLY A 141 14.98 -1.60 6.68
C GLY A 141 16.48 -1.55 6.66
N PRO A 142 17.07 -1.35 5.49
CA PRO A 142 18.50 -1.33 5.47
C PRO A 142 19.20 -0.35 6.36
N LEU A 143 18.52 0.70 6.83
CA LEU A 143 19.17 1.67 7.72
C LEU A 143 19.50 1.13 9.11
N GLY A 144 18.90 0.00 9.48
CA GLY A 144 19.14 -0.58 10.80
C GLY A 144 18.63 0.28 11.93
N ILE A 145 17.47 0.92 11.74
CA ILE A 145 16.75 1.60 12.81
C ILE A 145 15.88 0.62 13.60
N ASN A 146 15.90 0.75 14.92
CA ASN A 146 14.86 0.19 15.84
C ASN A 146 14.65 1.20 16.97
N ASN A 147 13.90 0.83 18.00
CA ASN A 147 13.67 1.78 19.14
C ASN A 147 14.89 2.34 19.87
N ASN A 148 15.94 1.52 19.93
CA ASN A 148 17.19 1.85 20.62
C ASN A 148 18.16 2.62 19.74
N ASN A 149 17.82 2.74 18.45
CA ASN A 149 18.67 3.37 17.47
C ASN A 149 17.91 4.27 16.51
N PRO A 150 17.48 5.43 17.02
CA PRO A 150 16.57 6.20 16.19
C PRO A 150 17.26 6.87 15.00
N VAL A 151 16.45 7.26 14.04
CA VAL A 151 16.96 7.77 12.79
C VAL A 151 17.68 9.11 13.01
N ASP A 152 17.27 9.80 14.07
CA ASP A 152 17.82 11.13 14.45
C ASP A 152 18.73 11.09 15.67
N SER A 153 19.38 9.97 15.95
CA SER A 153 20.04 9.80 17.25
C SER A 153 21.09 10.86 17.60
N THR A 154 22.01 11.15 16.69
CA THR A 154 23.03 12.19 16.88
C THR A 154 22.74 13.44 16.06
N THR A 155 21.49 13.67 15.72
CA THR A 155 21.11 14.83 14.94
C THR A 155 21.01 16.00 15.90
N ASP A 156 21.68 17.10 15.55
CA ASP A 156 21.61 18.37 16.28
C ASP A 156 21.50 19.52 15.28
N GLU A 157 20.28 20.00 15.07
CA GLU A 157 20.01 21.16 14.17
C GLU A 157 20.94 22.38 14.46
N THR A 158 21.20 22.64 15.75
CA THR A 158 21.98 23.82 16.16
C THR A 158 23.49 23.78 15.85
N THR A 159 24.10 22.60 15.72
CA THR A 159 25.48 22.47 15.15
C THR A 159 25.45 22.07 13.66
N ASN A 160 24.35 22.41 12.95
CA ASN A 160 24.05 21.94 11.58
C ASN A 160 24.62 20.55 11.29
N THR A 161 24.19 19.55 12.07
CA THR A 161 24.72 18.17 12.01
C THR A 161 23.56 17.15 11.98
N LEU A 162 23.67 16.15 11.11
CA LEU A 162 22.59 15.15 10.95
C LEU A 162 23.12 13.75 11.22
N ASP A 163 22.30 12.91 11.87
CA ASP A 163 22.69 11.54 12.11
C ASP A 163 22.99 10.89 10.75
N PRO A 164 24.05 10.06 10.62
CA PRO A 164 24.36 9.36 9.36
C PRO A 164 23.14 8.73 8.72
N LYS A 165 22.28 8.16 9.53
CA LYS A 165 21.07 7.48 9.06
C LYS A 165 20.05 8.46 8.55
N GLU A 166 19.95 9.62 9.19
CA GLU A 166 19.07 10.65 8.69
C GLU A 166 19.53 11.21 7.32
N ILE A 167 20.85 11.26 7.07
CA ILE A 167 21.41 11.67 5.81
C ILE A 167 20.90 10.77 4.70
N VAL A 168 20.89 9.45 4.98
CA VAL A 168 20.51 8.43 4.02
C VAL A 168 19.01 8.46 3.83
N PHE A 169 18.31 8.54 4.93
CA PHE A 169 16.89 8.80 4.89
C PHE A 169 16.55 9.93 3.90
N GLN A 170 17.22 11.07 4.05
CA GLN A 170 16.95 12.21 3.21
C GLN A 170 17.29 11.90 1.77
N GLN A 171 18.42 11.26 1.56
CA GLN A 171 18.84 10.95 0.22
C GLN A 171 17.82 10.06 -0.47
N ASP A 172 17.24 9.11 0.26
CA ASP A 172 16.19 8.26 -0.32
C ASP A 172 15.03 9.15 -0.81
N PHE A 173 14.59 10.12 -0.02
CA PHE A 173 13.52 11.01 -0.48
C PHE A 173 13.93 11.97 -1.59
N LEU A 174 15.20 12.40 -1.61
CA LEU A 174 15.67 13.29 -2.67
C LEU A 174 15.62 12.59 -3.99
N ASN A 175 16.13 11.35 -4.01
CA ASN A 175 16.07 10.49 -5.18
C ASN A 175 14.64 10.27 -5.65
N ILE A 176 13.69 10.08 -4.73
CA ILE A 176 12.29 9.99 -5.17
C ILE A 176 11.84 11.30 -5.77
N ALA A 177 12.17 12.40 -5.11
CA ALA A 177 11.69 13.70 -5.57
C ALA A 177 12.25 14.00 -6.96
N ASP A 178 13.46 13.54 -7.22
CA ASP A 178 14.14 13.71 -8.47
C ASP A 178 13.40 12.94 -9.59
N LEU A 179 13.12 11.67 -9.35
CA LEU A 179 12.29 10.93 -10.27
C LEU A 179 10.95 11.64 -10.59
N ALA A 180 10.22 12.07 -9.56
CA ALA A 180 8.97 12.77 -9.76
C ALA A 180 9.05 14.11 -10.47
N GLU A 181 10.17 14.82 -10.27
CA GLU A 181 10.34 16.16 -10.83
C GLU A 181 10.43 15.94 -12.31
N ASN A 182 11.10 14.85 -12.69
CA ASN A 182 11.41 14.57 -14.05
C ASN A 182 10.48 13.67 -14.83
N ASN A 183 9.45 13.13 -14.19
CA ASN A 183 8.55 12.12 -14.79
C ASN A 183 7.13 12.34 -14.38
N THR A 184 6.30 12.76 -15.32
CA THR A 184 4.86 13.01 -15.05
C THR A 184 4.14 11.70 -14.72
N ASN A 185 4.73 10.55 -15.03
CA ASN A 185 4.11 9.29 -14.65
C ASN A 185 4.25 8.89 -13.19
N TYR A 186 5.08 9.62 -12.43
CA TYR A 186 5.06 9.47 -10.96
C TYR A 186 3.71 10.01 -10.45
N TYR A 187 2.96 9.20 -9.71
CA TYR A 187 1.63 9.57 -9.24
C TYR A 187 1.61 10.69 -8.20
N ARG A 188 0.80 11.68 -8.45
CA ARG A 188 0.66 12.89 -7.65
C ARG A 188 -0.78 12.97 -7.18
N LEU A 189 -0.97 13.23 -5.90
CA LEU A 189 -2.27 13.56 -5.36
C LEU A 189 -2.30 15.07 -5.14
N ASP A 190 -3.18 15.76 -5.87
CA ASP A 190 -3.26 17.22 -5.80
C ASP A 190 -1.87 17.89 -5.99
N GLY A 191 -1.08 17.43 -6.97
CA GLY A 191 0.26 18.00 -7.26
C GLY A 191 1.39 17.46 -6.41
N LYS A 192 1.08 16.65 -5.41
CA LYS A 192 2.12 16.14 -4.50
C LYS A 192 2.51 14.68 -4.79
N PRO A 193 3.80 14.40 -5.06
CA PRO A 193 4.15 12.98 -5.22
C PRO A 193 3.86 12.17 -3.95
N VAL A 194 3.24 11.04 -4.15
CA VAL A 194 2.86 10.12 -3.13
C VAL A 194 4.01 9.19 -2.80
N VAL A 195 4.27 9.02 -1.52
CA VAL A 195 5.20 8.00 -1.02
C VAL A 195 4.51 7.22 0.12
N TYR A 196 4.63 5.90 0.04
CA TYR A 196 4.12 5.01 1.04
C TYR A 196 5.36 4.50 1.76
N ILE A 197 5.29 4.45 3.09
CA ILE A 197 6.35 3.96 3.94
C ILE A 197 5.87 2.70 4.68
N LEU A 198 6.51 1.59 4.35
CA LEU A 198 6.27 0.32 4.99
C LEU A 198 6.67 0.39 6.47
N ASN A 199 5.85 -0.14 7.37
CA ASN A 199 6.26 -0.26 8.80
C ASN A 199 6.67 1.09 9.39
N ALA A 200 5.87 2.09 9.06
CA ALA A 200 6.16 3.44 9.47
C ALA A 200 6.07 3.63 10.98
N GLN A 201 5.27 2.82 11.65
CA GLN A 201 5.20 2.86 13.08
C GLN A 201 6.56 2.56 13.75
N ASN A 202 7.38 1.74 13.10
CA ASN A 202 8.74 1.44 13.61
C ASN A 202 9.83 2.34 13.09
N LEU A 203 9.49 3.43 12.40
CA LEU A 203 10.52 4.39 12.01
C LEU A 203 10.88 5.24 13.26
N ALA A 204 11.67 4.63 14.12
CA ALA A 204 12.03 5.22 15.38
C ALA A 204 12.79 6.57 15.23
N ALA A 205 12.24 7.59 15.89
CA ALA A 205 12.79 8.92 15.91
C ALA A 205 12.56 9.47 17.31
N ASN A 206 13.54 10.16 17.87
CA ASN A 206 13.30 11.00 19.04
C ASN A 206 12.26 12.07 18.81
N ASP A 207 12.11 12.52 17.56
CA ASP A 207 11.12 13.58 17.17
C ASP A 207 10.71 13.38 15.68
N SER A 208 9.58 12.68 15.49
CA SER A 208 9.17 12.30 14.13
C SER A 208 8.87 13.56 13.30
N PRO A 209 8.07 14.51 13.85
CA PRO A 209 7.85 15.74 13.06
C PRO A 209 9.10 16.51 12.67
N ALA A 210 10.09 16.61 13.56
CA ALA A 210 11.31 17.32 13.20
C ALA A 210 12.07 16.58 12.12
N VAL A 211 12.15 15.25 12.19
CA VAL A 211 12.82 14.48 11.10
C VAL A 211 12.15 14.69 9.73
N PHE A 212 10.84 14.55 9.70
CA PHE A 212 10.08 14.70 8.51
C PHE A 212 10.07 16.14 7.96
N ASN A 213 10.01 17.14 8.85
CA ASN A 213 10.09 18.55 8.38
C ASN A 213 11.46 18.91 7.80
N ARG A 214 12.52 18.36 8.38
CA ARG A 214 13.85 18.49 7.77
C ARG A 214 13.94 17.86 6.39
N MET A 215 13.37 16.67 6.23
CA MET A 215 13.34 16.01 4.94
C MET A 215 12.48 16.80 3.95
N ARG A 216 11.31 17.27 4.36
CA ARG A 216 10.43 18.01 3.48
C ARG A 216 11.08 19.31 3.04
N GLN A 217 11.74 19.98 3.96
CA GLN A 217 12.42 21.21 3.63
C GLN A 217 13.54 20.93 2.65
N ALA A 218 14.30 19.84 2.87
CA ALA A 218 15.35 19.48 1.89
C ALA A 218 14.79 19.20 0.46
N VAL A 219 13.61 18.58 0.37
CA VAL A 219 12.98 18.36 -0.90
C VAL A 219 12.52 19.70 -1.52
N ARG A 220 11.85 20.54 -0.74
CA ARG A 220 11.42 21.89 -1.19
C ARG A 220 12.61 22.71 -1.68
N ASP A 221 13.67 22.63 -0.90
CA ASP A 221 14.86 23.32 -1.21
C ASP A 221 15.41 22.87 -2.56
N ALA A 222 15.44 21.57 -2.80
CA ALA A 222 16.05 21.08 -4.03
C ALA A 222 15.10 20.95 -5.24
N TYR A 223 13.77 21.04 -5.05
CA TYR A 223 12.80 20.76 -6.14
C TYR A 223 11.67 21.80 -6.16
N ASN A 224 12.10 23.06 -6.21
CA ASN A 224 11.20 24.17 -6.45
C ASN A 224 9.94 24.10 -5.62
N GLY A 225 10.10 23.85 -4.34
CA GLY A 225 8.97 23.89 -3.45
C GLY A 225 8.06 22.68 -3.48
N MET A 226 8.50 21.56 -4.10
CA MET A 226 7.73 20.30 -4.09
C MET A 226 7.34 19.87 -2.68
N GLU A 227 6.07 19.58 -2.54
CA GLU A 227 5.53 18.96 -1.39
C GLU A 227 5.23 17.47 -1.71
N LEU A 228 5.40 16.59 -0.71
CA LEU A 228 5.09 15.18 -0.83
C LEU A 228 3.82 14.81 -0.09
N TYR A 229 3.20 13.71 -0.48
CA TYR A 229 2.06 13.20 0.27
C TYR A 229 2.44 11.82 0.71
N ILE A 230 2.67 11.70 2.00
CA ILE A 230 3.29 10.55 2.60
C ILE A 230 2.27 9.75 3.34
N ILE A 231 2.14 8.47 2.97
CA ILE A 231 1.28 7.53 3.63
C ILE A 231 2.18 6.61 4.53
N GLY A 232 1.75 6.50 5.79
CA GLY A 232 2.43 5.69 6.81
C GLY A 232 1.57 4.47 7.15
N MET A 233 2.18 3.30 7.02
CA MET A 233 1.56 2.05 7.36
C MET A 233 1.79 1.71 8.86
N GLN A 234 0.72 1.25 9.48
CA GLN A 234 0.68 0.64 10.81
C GLN A 234 0.31 -0.83 10.68
N PRO A 235 0.62 -1.65 11.70
CA PRO A 235 0.15 -3.03 11.67
C PRO A 235 -1.38 -3.14 11.81
N GLN A 236 -1.92 -4.13 11.13
CA GLN A 236 -3.34 -4.50 11.23
C GLN A 236 -3.85 -4.76 12.64
N TRP A 237 -5.18 -4.67 12.75
CA TRP A 237 -5.90 -4.98 13.95
C TRP A 237 -5.43 -4.16 15.13
N GLN A 238 -5.02 -2.92 14.92
CA GLN A 238 -4.48 -2.12 16.01
C GLN A 238 -5.12 -0.74 16.05
N PRO A 239 -5.15 -0.11 17.22
CA PRO A 239 -5.84 1.18 17.33
C PRO A 239 -5.21 2.28 16.48
N PRO A 240 -6.04 3.17 15.94
CA PRO A 240 -5.49 4.16 15.01
C PRO A 240 -4.65 5.25 15.69
N LEU A 241 -4.80 5.42 16.99
CA LEU A 241 -4.00 6.41 17.70
C LEU A 241 -2.82 5.80 18.45
N ARG A 242 -2.62 4.47 18.37
CA ARG A 242 -1.56 3.82 19.15
C ARG A 242 -0.20 4.46 18.86
N TYR A 243 0.04 4.80 17.59
CA TYR A 243 1.32 5.42 17.20
C TYR A 243 1.21 6.87 16.71
N ASP A 244 0.39 7.69 17.38
CA ASP A 244 0.27 9.13 17.06
C ASP A 244 1.61 9.88 16.95
N PHE A 245 2.48 9.66 17.93
CA PHE A 245 3.79 10.30 18.01
C PHE A 245 4.73 10.02 16.85
N ARG A 246 4.45 8.95 16.10
CA ARG A 246 5.16 8.62 14.85
C ARG A 246 4.58 9.28 13.58
N PHE A 247 3.34 9.73 13.68
CA PHE A 247 2.57 10.15 12.51
C PHE A 247 2.10 11.60 12.55
N VAL A 248 1.70 12.10 13.71
CA VAL A 248 1.13 13.43 13.81
C VAL A 248 2.22 14.43 13.51
N GLY A 249 1.95 15.35 12.60
CA GLY A 249 2.96 16.27 12.15
C GLY A 249 4.08 15.66 11.32
N ALA A 250 3.94 14.40 10.95
CA ALA A 250 5.03 13.70 10.28
C ALA A 250 4.55 13.26 8.89
N VAL A 251 3.50 12.45 8.84
CA VAL A 251 2.95 11.98 7.58
C VAL A 251 1.67 12.70 7.30
N ASP A 252 1.11 12.45 6.12
CA ASP A 252 -0.15 13.07 5.72
C ASP A 252 -1.27 12.11 5.94
N ALA A 253 -0.97 10.80 5.86
CA ALA A 253 -2.04 9.82 5.99
C ALA A 253 -1.53 8.53 6.59
N VAL A 254 -2.46 7.81 7.19
CA VAL A 254 -2.17 6.56 7.80
C VAL A 254 -3.07 5.52 7.18
N THR A 255 -2.52 4.32 7.04
CA THR A 255 -3.30 3.16 6.69
C THR A 255 -2.84 2.02 7.57
N HIS A 256 -3.63 0.96 7.63
CA HIS A 256 -3.18 -0.31 8.27
C HIS A 256 -2.74 -1.27 7.21
N ASN A 257 -1.92 -2.21 7.62
CA ASN A 257 -1.63 -3.35 6.82
C ASN A 257 -2.93 -4.15 6.70
N THR A 258 -3.07 -4.98 5.67
CA THR A 258 -4.32 -5.70 5.46
C THR A 258 -4.79 -6.43 6.73
N TYR A 259 -6.08 -6.28 7.06
CA TYR A 259 -6.67 -7.01 8.16
C TYR A 259 -6.87 -8.49 7.82
N MET A 260 -6.65 -8.91 6.55
CA MET A 260 -6.67 -10.37 6.23
C MET A 260 -5.39 -11.11 6.64
N GLN A 261 -4.59 -10.49 7.51
CA GLN A 261 -3.49 -11.11 8.21
C GLN A 261 -3.85 -11.30 9.67
N LEU A 262 -4.07 -12.55 10.05
CA LEU A 262 -4.80 -12.85 11.28
C LEU A 262 -4.51 -14.26 11.66
N ASN A 263 -4.06 -14.44 12.90
CA ASN A 263 -3.79 -15.76 13.44
C ASN A 263 -5.08 -16.57 13.45
N GLU A 264 -5.00 -17.78 12.91
CA GLU A 264 -6.17 -18.64 12.92
C GLU A 264 -6.64 -19.05 14.32
N ASN A 265 -5.81 -18.85 15.36
CA ASN A 265 -6.13 -19.23 16.77
C ASN A 265 -6.65 -18.01 17.47
N ASN A 266 -7.72 -18.16 18.25
CA ASN A 266 -8.26 -17.05 19.10
C ASN A 266 -8.68 -15.79 18.34
N SER A 267 -9.30 -16.01 17.20
CA SER A 267 -9.79 -14.93 16.37
C SER A 267 -11.18 -15.27 15.85
N TYR A 268 -11.98 -15.91 16.70
CA TYR A 268 -13.21 -16.50 16.24
C TYR A 268 -14.18 -15.38 15.86
N GLU A 269 -14.37 -14.40 16.74
CA GLU A 269 -15.32 -13.30 16.45
C GLU A 269 -14.87 -12.49 15.14
N ARG A 270 -13.56 -12.24 15.03
CA ARG A 270 -12.95 -11.47 13.91
C ARG A 270 -13.09 -12.09 12.51
N ILE A 271 -12.86 -13.38 12.39
CA ILE A 271 -13.13 -14.11 11.16
C ILE A 271 -14.65 -14.21 10.87
N LEU A 272 -15.43 -14.53 11.89
CA LEU A 272 -16.83 -14.77 11.68
C LEU A 272 -17.53 -13.51 11.18
N TYR A 273 -17.22 -12.37 11.83
CA TYR A 273 -17.88 -11.08 11.55
C TYR A 273 -16.98 -10.06 10.82
N PHE A 274 -16.08 -10.55 9.99
CA PHE A 274 -14.98 -9.77 9.44
C PHE A 274 -15.34 -8.45 8.80
N ASP A 275 -16.31 -8.50 7.91
CA ASP A 275 -16.71 -7.29 7.19
C ASP A 275 -17.19 -6.21 8.15
N LYS A 276 -17.86 -6.64 9.22
CA LYS A 276 -18.31 -5.72 10.25
C LYS A 276 -17.15 -5.25 11.12
N MET A 277 -16.21 -6.15 11.42
CA MET A 277 -14.99 -5.76 12.12
C MET A 277 -14.21 -4.66 11.35
N VAL A 278 -14.00 -4.84 10.04
CA VAL A 278 -13.19 -3.87 9.29
C VAL A 278 -13.96 -2.60 9.12
N TYR A 279 -15.26 -2.71 8.92
CA TYR A 279 -16.06 -1.50 8.83
C TYR A 279 -15.90 -0.65 10.08
N GLY A 280 -16.08 -1.31 11.22
CA GLY A 280 -15.93 -0.67 12.49
C GLY A 280 -14.58 -0.05 12.68
N ALA A 281 -13.52 -0.75 12.30
CA ALA A 281 -12.17 -0.28 12.61
C ALA A 281 -11.78 0.88 11.67
N TRP A 282 -12.06 0.70 10.38
CA TRP A 282 -11.70 1.73 9.44
C TRP A 282 -12.45 3.02 9.58
N SER A 283 -13.75 2.96 9.89
CA SER A 283 -14.56 4.20 9.91
C SER A 283 -14.17 4.94 11.14
N TYR A 284 -14.04 4.21 12.26
CA TYR A 284 -13.43 4.78 13.46
C TYR A 284 -12.03 5.39 13.21
N SER A 285 -11.13 4.70 12.52
CA SER A 285 -9.81 5.30 12.18
C SER A 285 -9.94 6.57 11.37
N GLN A 286 -10.87 6.59 10.42
CA GLN A 286 -11.12 7.79 9.63
C GLN A 286 -11.65 8.94 10.50
N GLU A 287 -12.55 8.65 11.45
CA GLU A 287 -13.09 9.71 12.36
C GLU A 287 -11.95 10.17 13.25
N ALA A 288 -11.33 9.21 13.92
CA ALA A 288 -10.39 9.58 15.00
C ALA A 288 -9.13 10.25 14.47
N LEU A 289 -8.59 9.76 13.36
CA LEU A 289 -7.40 10.41 12.80
C LEU A 289 -7.70 11.81 12.29
N GLY A 290 -8.95 12.01 11.86
CA GLY A 290 -9.41 13.27 11.28
C GLY A 290 -9.71 14.41 12.27
N ARG A 291 -9.60 14.16 13.58
CA ARG A 291 -9.76 15.22 14.59
C ARG A 291 -8.63 16.20 14.54
N SER A 292 -8.92 17.40 14.97
CA SER A 292 -8.04 18.52 14.80
C SER A 292 -6.79 18.39 15.67
N GLU A 293 -6.88 17.59 16.76
CA GLU A 293 -5.73 17.26 17.63
C GLU A 293 -4.63 16.52 16.83
N PHE A 294 -5.06 15.74 15.81
CA PHE A 294 -4.19 14.86 15.00
C PHE A 294 -4.07 15.25 13.53
N ASN A 295 -5.19 15.52 12.88
CA ASN A 295 -5.23 16.06 11.52
C ASN A 295 -4.59 15.15 10.45
N LEU A 296 -4.99 13.90 10.46
CA LEU A 296 -4.40 12.91 9.55
C LEU A 296 -5.51 12.28 8.75
N GLU A 297 -5.24 12.11 7.45
CA GLU A 297 -6.13 11.30 6.61
C GLU A 297 -5.87 9.83 6.92
N TYR A 298 -6.92 9.04 6.83
CA TYR A 298 -6.88 7.59 6.89
C TYR A 298 -7.20 7.10 5.48
N ILE A 299 -6.48 6.07 5.04
CA ILE A 299 -6.71 5.40 3.77
C ILE A 299 -6.83 3.89 4.03
N PRO A 300 -8.00 3.31 3.76
CA PRO A 300 -8.13 1.86 4.00
C PRO A 300 -7.33 1.05 3.00
N THR A 301 -6.66 0.02 3.49
CA THR A 301 -6.05 -1.02 2.65
C THR A 301 -6.96 -2.21 2.66
N ILE A 302 -7.41 -2.59 1.48
CA ILE A 302 -8.21 -3.81 1.27
C ILE A 302 -7.48 -4.97 0.62
N SER A 303 -8.08 -6.16 0.76
CA SER A 303 -7.60 -7.41 0.15
C SER A 303 -8.77 -8.31 -0.24
N PRO A 304 -8.61 -9.05 -1.34
CA PRO A 304 -9.61 -9.99 -1.76
C PRO A 304 -9.51 -11.34 -1.09
N SER A 305 -8.37 -11.63 -0.52
CA SER A 305 -8.08 -12.93 -0.02
C SER A 305 -6.70 -12.87 0.57
N SER A 306 -6.29 -13.94 1.23
CA SER A 306 -4.92 -14.12 1.61
C SER A 306 -4.61 -15.56 1.86
N ASN A 307 -3.33 -15.86 1.70
CA ASN A 307 -2.79 -17.13 2.07
C ASN A 307 -1.33 -17.00 2.42
N TYR A 308 -1.07 -16.92 3.71
CA TYR A 308 0.27 -16.85 4.23
C TYR A 308 0.93 -18.22 4.37
N LYS A 309 0.23 -19.29 4.05
CA LYS A 309 0.75 -20.66 4.17
C LYS A 309 1.52 -21.05 2.92
N LEU A 310 1.34 -20.30 1.84
CA LEU A 310 2.13 -20.50 0.65
C LEU A 310 3.65 -20.39 0.87
N GLN A 311 4.09 -19.30 1.48
CA GLN A 311 5.52 -19.10 1.74
C GLN A 311 6.07 -20.04 2.80
N ASN A 312 5.22 -20.53 3.69
CA ASN A 312 5.68 -21.37 4.78
C ASN A 312 4.44 -22.02 5.39
N PRO A 313 4.31 -23.36 5.26
CA PRO A 313 3.13 -24.08 5.79
C PRO A 313 2.91 -23.97 7.31
N ASN A 314 3.96 -23.55 8.05
CA ASN A 314 3.85 -23.36 9.49
C ASN A 314 3.25 -22.00 9.87
N ASN A 315 3.04 -21.12 8.89
CA ASN A 315 2.35 -19.88 9.23
C ASN A 315 0.90 -20.16 9.70
N GLN A 316 0.68 -19.81 10.95
CA GLN A 316 -0.59 -19.98 11.62
C GLN A 316 -1.66 -18.99 11.15
N ASN A 317 -1.35 -18.12 10.20
CA ASN A 317 -2.36 -17.20 9.76
C ASN A 317 -3.47 -17.90 8.99
N TYR A 318 -4.71 -17.53 9.30
CA TYR A 318 -5.89 -18.02 8.63
C TYR A 318 -5.92 -17.66 7.15
N ILE A 319 -6.29 -18.63 6.32
CA ILE A 319 -6.48 -18.44 4.89
C ILE A 319 -7.86 -17.85 4.58
N PHE A 320 -7.88 -16.74 3.87
CA PHE A 320 -9.12 -16.13 3.39
C PHE A 320 -9.23 -16.55 1.95
N GLU A 321 -10.18 -17.39 1.64
CA GLU A 321 -10.42 -17.78 0.28
C GLU A 321 -11.12 -16.59 -0.42
N LYS A 322 -10.88 -16.46 -1.72
CA LYS A 322 -11.59 -15.50 -2.54
C LYS A 322 -13.08 -15.76 -2.43
N ASN A 323 -13.83 -14.72 -2.07
CA ASN A 323 -15.27 -14.85 -1.99
C ASN A 323 -15.83 -13.56 -2.47
N GLU A 324 -16.53 -13.59 -3.60
CA GLU A 324 -17.08 -12.35 -4.17
C GLU A 324 -17.97 -11.53 -3.19
N LYS A 325 -18.81 -12.24 -2.43
CA LYS A 325 -19.81 -11.57 -1.61
C LYS A 325 -19.06 -10.80 -0.52
N LEU A 326 -18.13 -11.50 0.11
CA LEU A 326 -17.29 -10.90 1.12
C LEU A 326 -16.46 -9.74 0.60
N PHE A 327 -15.88 -9.89 -0.58
CA PHE A 327 -14.97 -8.86 -1.08
C PHE A 327 -15.73 -7.61 -1.37
N ARG A 328 -16.95 -7.77 -1.87
CA ARG A 328 -17.76 -6.57 -2.16
C ARG A 328 -18.17 -5.82 -0.88
N SER A 329 -18.40 -6.59 0.18
CA SER A 329 -18.76 -6.06 1.48
C SER A 329 -17.56 -5.31 2.08
N VAL A 330 -16.37 -5.87 1.90
CA VAL A 330 -15.14 -5.18 2.26
C VAL A 330 -14.96 -3.89 1.48
N CYS A 331 -15.22 -3.92 0.20
CA CYS A 331 -15.06 -2.71 -0.60
C CYS A 331 -16.04 -1.62 -0.10
N ASN A 332 -17.24 -2.06 0.27
CA ASN A 332 -18.25 -1.16 0.80
C ASN A 332 -17.78 -0.54 2.10
N ALA A 333 -17.19 -1.37 2.96
CA ALA A 333 -16.58 -0.90 4.19
C ALA A 333 -15.53 0.17 3.93
N ALA A 334 -14.70 -0.09 2.94
CA ALA A 334 -13.59 0.83 2.66
C ALA A 334 -14.17 2.16 2.21
N ARG A 335 -15.21 2.10 1.37
CA ARG A 335 -15.94 3.31 0.92
C ARG A 335 -16.48 4.04 2.14
N GLY A 336 -16.97 3.31 3.14
CA GLY A 336 -17.35 3.95 4.43
C GLY A 336 -16.25 4.62 5.26
N ALA A 337 -14.98 4.48 4.87
CA ALA A 337 -13.88 5.02 5.67
C ALA A 337 -12.97 5.97 4.88
N VAL A 338 -13.32 6.29 3.65
CA VAL A 338 -12.47 7.07 2.79
C VAL A 338 -12.63 8.50 3.22
N GLY A 339 -11.60 9.33 3.07
CA GLY A 339 -11.77 10.76 3.35
C GLY A 339 -11.54 11.65 2.13
N GLU A 340 -10.93 12.81 2.36
CA GLU A 340 -10.66 13.83 1.38
C GLU A 340 -9.72 13.33 0.29
N SER A 341 -8.81 12.41 0.61
CA SER A 341 -7.93 11.84 -0.43
C SER A 341 -8.69 11.05 -1.52
N LYS A 342 -9.88 10.57 -1.18
CA LYS A 342 -10.70 9.73 -2.02
C LYS A 342 -9.95 8.43 -2.31
N MET A 343 -9.02 8.08 -1.44
CA MET A 343 -8.06 7.03 -1.73
C MET A 343 -8.30 5.73 -0.96
N VAL A 344 -8.16 4.65 -1.71
CA VAL A 344 -8.17 3.30 -1.21
C VAL A 344 -6.93 2.58 -1.76
N LEU A 345 -6.34 1.68 -0.96
CA LEU A 345 -5.17 0.90 -1.36
C LEU A 345 -5.53 -0.53 -1.40
N LEU A 346 -5.08 -1.21 -2.46
CA LEU A 346 -5.32 -2.62 -2.68
C LEU A 346 -4.05 -3.42 -2.44
N GLU A 347 -4.10 -4.28 -1.42
CA GLU A 347 -3.17 -5.40 -1.22
C GLU A 347 -3.90 -6.62 -1.77
N SER A 348 -3.71 -6.96 -3.05
CA SER A 348 -2.68 -6.44 -3.92
C SER A 348 -3.08 -6.67 -5.37
N PHE A 349 -2.29 -6.10 -6.29
CA PHE A 349 -2.43 -6.43 -7.67
C PHE A 349 -1.87 -7.82 -7.95
N ASN A 350 -0.62 -8.01 -7.61
CA ASN A 350 0.04 -9.29 -7.93
C ASN A 350 1.00 -9.77 -6.85
N ASN A 351 0.61 -9.64 -5.57
CA ASN A 351 1.39 -10.22 -4.44
C ASN A 351 0.98 -11.68 -4.21
N TRP A 352 1.32 -12.53 -5.19
CA TRP A 352 0.95 -13.94 -5.21
C TRP A 352 1.57 -14.67 -4.02
N ASN A 353 2.77 -14.27 -3.56
CA ASN A 353 3.40 -14.98 -2.46
C ASN A 353 2.51 -15.13 -1.25
N ILE A 354 1.59 -14.20 -1.03
CA ILE A 354 0.72 -14.25 0.13
C ILE A 354 -0.76 -14.32 -0.24
N GLY A 355 -1.07 -14.57 -1.50
CA GLY A 355 -2.45 -14.92 -1.86
C GLY A 355 -3.41 -13.78 -1.90
N THR A 356 -2.90 -12.56 -2.01
CA THR A 356 -3.78 -11.39 -1.98
C THR A 356 -4.05 -10.81 -3.37
N GLN A 357 -3.47 -11.43 -4.39
CA GLN A 357 -3.47 -10.83 -5.73
C GLN A 357 -4.84 -10.79 -6.38
N ILE A 358 -5.06 -9.81 -7.26
CA ILE A 358 -6.20 -9.87 -8.17
C ILE A 358 -5.85 -10.06 -9.63
N GLU A 359 -4.56 -10.21 -9.94
CA GLU A 359 -4.05 -10.34 -11.31
C GLU A 359 -4.80 -11.47 -11.98
N GLU A 360 -5.19 -11.26 -13.23
CA GLU A 360 -5.99 -12.22 -13.97
C GLU A 360 -5.33 -13.61 -13.99
N SER A 361 -6.04 -14.65 -13.48
CA SER A 361 -5.57 -16.01 -13.58
C SER A 361 -6.05 -16.58 -14.89
N ASN A 362 -5.48 -17.71 -15.24
CA ASN A 362 -6.05 -18.56 -16.28
C ASN A 362 -7.42 -18.99 -15.85
N GLU A 363 -8.24 -19.41 -16.80
CA GLU A 363 -9.64 -19.75 -16.50
C GLU A 363 -9.84 -21.00 -15.64
N LEU A 364 -8.84 -21.87 -15.63
CA LEU A 364 -8.89 -23.08 -14.87
C LEU A 364 -7.77 -23.08 -13.87
N LYS A 365 -7.97 -23.77 -12.77
CA LYS A 365 -6.90 -24.00 -11.80
C LYS A 365 -5.82 -24.92 -12.35
N VAL A 366 -4.72 -25.09 -11.58
CA VAL A 366 -3.63 -26.01 -11.94
C VAL A 366 -4.10 -27.45 -12.18
N ASP A 367 -5.21 -27.88 -11.55
CA ASP A 367 -5.80 -29.20 -11.86
C ASP A 367 -6.36 -29.38 -13.28
N GLY A 368 -6.60 -28.28 -14.02
CA GLY A 368 -7.06 -28.38 -15.42
C GLY A 368 -8.53 -28.68 -15.60
N VAL A 369 -9.33 -28.59 -14.54
CA VAL A 369 -10.80 -28.86 -14.52
C VAL A 369 -11.64 -27.84 -13.68
N THR A 370 -11.11 -27.38 -12.55
CA THR A 370 -11.82 -26.45 -11.68
C THR A 370 -11.72 -25.00 -12.21
N PRO A 371 -12.83 -24.28 -12.28
CA PRO A 371 -12.72 -22.86 -12.68
C PRO A 371 -12.03 -21.95 -11.65
N ALA A 372 -11.17 -21.08 -12.17
CA ALA A 372 -10.38 -20.15 -11.36
C ALA A 372 -11.02 -18.79 -11.44
N TYR A 373 -10.55 -17.87 -10.61
CA TYR A 373 -11.25 -16.57 -10.51
C TYR A 373 -11.07 -15.76 -11.82
N GLY A 374 -9.99 -16.00 -12.56
CA GLY A 374 -9.80 -15.35 -13.85
C GLY A 374 -9.68 -13.85 -13.70
N ASP A 375 -10.44 -13.14 -14.51
CA ASP A 375 -10.50 -11.69 -14.47
C ASP A 375 -11.62 -11.13 -13.60
N GLN A 376 -12.32 -12.01 -12.88
CA GLN A 376 -13.48 -11.62 -12.04
C GLN A 376 -13.10 -10.49 -11.07
N TYR A 377 -11.92 -10.56 -10.46
CA TYR A 377 -11.59 -9.61 -9.40
C TYR A 377 -11.13 -8.27 -9.94
N LEU A 378 -10.61 -8.24 -11.15
CA LEU A 378 -10.39 -6.94 -11.78
C LEU A 378 -11.74 -6.21 -12.00
N LYS A 379 -12.71 -6.94 -12.53
CA LYS A 379 -14.00 -6.34 -12.83
C LYS A 379 -14.71 -5.91 -11.59
N ILE A 380 -14.65 -6.70 -10.51
CA ILE A 380 -15.28 -6.28 -9.27
C ILE A 380 -14.68 -4.94 -8.79
N LEU A 381 -13.35 -4.84 -8.95
CA LEU A 381 -12.65 -3.65 -8.45
C LEU A 381 -13.17 -2.42 -9.16
N LYS A 382 -13.35 -2.48 -10.47
CA LYS A 382 -13.88 -1.31 -11.19
C LYS A 382 -15.30 -0.99 -10.78
N GLU A 383 -16.13 -2.01 -10.62
CA GLU A 383 -17.50 -1.79 -10.13
C GLU A 383 -17.54 -1.14 -8.73
N GLU A 384 -16.63 -1.52 -7.84
CA GLU A 384 -16.73 -1.06 -6.46
C GLU A 384 -16.14 0.33 -6.21
N PHE A 385 -15.29 0.80 -7.13
CA PHE A 385 -14.62 2.08 -6.97
C PHE A 385 -14.61 3.04 -8.13
N LYS A 386 -15.32 2.72 -9.21
CA LYS A 386 -15.49 3.72 -10.29
C LYS A 386 -16.95 3.89 -10.61
N VAL A 387 -17.33 5.13 -10.94
CA VAL A 387 -18.76 5.41 -11.21
C VAL A 387 -19.14 4.77 -12.54
N ALA A 388 -20.29 4.11 -12.57
CA ALA A 388 -20.91 3.60 -13.81
C ALA A 388 -21.57 4.74 -14.59
BR BR B . 15.12 27.79 -10.17
BR BR C . -7.39 4.79 19.28
BR BR D . 10.59 -9.68 -21.21
BR BR E . -11.59 3.94 -14.68
BR BR F . 9.17 -16.94 -1.02
#